data_5TX5
#
_entry.id   5TX5
#
_cell.length_a   42.774
_cell.length_b   101.246
_cell.length_c   129.753
_cell.angle_alpha   90.00
_cell.angle_beta   90.00
_cell.angle_gamma   90.00
#
_symmetry.space_group_name_H-M   'P 21 21 21'
#
loop_
_entity.id
_entity.type
_entity.pdbx_description
1 polymer 'Receptor-interacting serine/threonine-protein kinase 1'
2 non-polymer 3-benzyl-N-[(3S)-5-methyl-4-oxo-2,3,4,5-tetrahydro-1,5-benzoxazepin-3-yl]-1H-1,2,4-triazole-5-carboxamide
3 water water
#
_entity_poly.entity_id   1
_entity_poly.type   'polypeptide(L)'
_entity_poly.pdbx_seq_one_letter_code
;MDYKDDDDKMQPDMSLNVIKMKSSDFLESAELDSGGFGKVSLAFHRTQGLMIMKTVYKGPNCIEHNEALLEEAKMMNRLR
HSRVVKLLGVIIEEGKYSLVMEYMEKGNLMHVLKAEMSTPLSVKGRIILEIIEGMAYLHGKGVIHKDLKPENILVDNDFH
IKIADLGLASFKMWSKLNNEEHNELREVDGTAKKNGGTLYYMAPEHLNDVNAKPTEKSDVYSFAVVLWAIFANKEPYENA
IAEQQLIMAIKSGNRPDVDDITEYCPREIISLMKLCWEANPEARPTFPGIEEKFRPFYLSQLE
;
_entity_poly.pdbx_strand_id   A,B
#
loop_
_chem_comp.id
_chem_comp.type
_chem_comp.name
_chem_comp.formula
7MJ non-polymer 3-benzyl-N-[(3S)-5-methyl-4-oxo-2,3,4,5-tetrahydro-1,5-benzoxazepin-3-yl]-1H-1,2,4-triazole-5-carboxamide 'C20 H19 N5 O3'
#
# COMPACT_ATOMS: atom_id res chain seq x y z
N ILE A 19 14.83 -19.55 2.27
CA ILE A 19 14.61 -18.84 3.52
C ILE A 19 15.85 -18.83 4.45
N LYS A 20 16.79 -19.77 4.23
CA LYS A 20 18.00 -19.86 5.03
C LYS A 20 19.22 -19.59 4.16
N MET A 21 20.14 -18.75 4.66
CA MET A 21 21.36 -18.41 3.94
C MET A 21 22.58 -19.01 4.64
N LYS A 22 23.76 -18.82 4.04
CA LYS A 22 25.04 -19.28 4.56
C LYS A 22 25.95 -18.08 4.58
N SER A 23 26.88 -18.02 5.57
CA SER A 23 27.85 -16.93 5.68
C SER A 23 28.67 -16.75 4.37
N SER A 24 28.94 -17.87 3.66
CA SER A 24 29.65 -17.93 2.37
C SER A 24 28.96 -17.13 1.25
N ASP A 25 27.60 -17.04 1.29
CA ASP A 25 26.78 -16.29 0.32
C ASP A 25 27.06 -14.77 0.39
N PHE A 26 27.83 -14.33 1.39
CA PHE A 26 28.21 -12.95 1.59
C PHE A 26 29.68 -12.78 1.23
N LEU A 27 29.94 -12.02 0.15
CA LEU A 27 31.26 -11.72 -0.39
C LEU A 27 32.11 -10.92 0.61
N GLU A 28 31.46 -10.01 1.37
CA GLU A 28 32.08 -9.15 2.37
C GLU A 28 31.05 -8.75 3.43
N SER A 29 31.53 -8.33 4.60
CA SER A 29 30.72 -7.91 5.74
C SER A 29 31.47 -6.99 6.70
N ALA A 30 30.73 -6.21 7.48
CA ALA A 30 31.24 -5.27 8.48
C ALA A 30 30.29 -5.20 9.66
N GLU A 31 30.83 -4.99 10.85
CA GLU A 31 30.00 -4.90 12.04
C GLU A 31 29.93 -3.46 12.52
N LEU A 32 28.71 -2.99 12.75
CA LEU A 32 28.43 -1.65 13.24
C LEU A 32 27.60 -1.76 14.52
N ASP A 33 27.94 -0.94 15.53
CA ASP A 33 27.23 -0.89 16.80
C ASP A 33 26.42 0.40 16.82
N SER A 34 25.10 0.27 17.02
CA SER A 34 24.20 1.42 17.04
C SER A 34 23.32 1.41 18.28
N GLY A 35 22.76 2.60 18.62
CA GLY A 35 21.86 2.77 19.75
C GLY A 35 20.48 2.15 19.45
N GLY A 38 21.80 -2.82 17.98
CA GLY A 38 23.05 -2.93 18.70
C GLY A 38 23.67 -4.31 18.56
N LYS A 39 24.96 -4.37 18.17
CA LYS A 39 25.73 -5.61 17.93
C LYS A 39 25.36 -6.27 16.58
N VAL A 40 24.80 -5.48 15.64
CA VAL A 40 24.42 -5.94 14.30
C VAL A 40 25.63 -5.98 13.36
N SER A 41 25.52 -6.72 12.25
CA SER A 41 26.54 -6.83 11.23
C SER A 41 25.94 -6.62 9.84
N LEU A 42 26.54 -5.75 9.05
CA LEU A 42 26.10 -5.49 7.70
C LEU A 42 26.90 -6.34 6.72
N ALA A 43 26.23 -6.97 5.75
CA ALA A 43 26.94 -7.82 4.82
C ALA A 43 26.40 -7.68 3.41
N PHE A 44 27.29 -7.85 2.40
CA PHE A 44 26.94 -7.77 1.00
C PHE A 44 26.73 -9.17 0.42
N HIS A 45 25.48 -9.57 0.31
CA HIS A 45 25.04 -10.84 -0.25
C HIS A 45 25.25 -10.78 -1.77
N ARG A 46 25.69 -11.91 -2.36
CA ARG A 46 26.00 -12.08 -3.77
C ARG A 46 24.94 -11.52 -4.74
N THR A 47 23.74 -12.12 -4.79
CA THR A 47 22.70 -11.75 -5.75
C THR A 47 21.77 -10.62 -5.27
N GLN A 48 21.28 -10.66 -4.02
CA GLN A 48 20.34 -9.64 -3.53
C GLN A 48 20.98 -8.32 -3.05
N GLY A 49 22.16 -8.37 -2.42
CA GLY A 49 22.83 -7.16 -1.99
C GLY A 49 22.96 -6.96 -0.49
N LEU A 50 22.98 -5.69 -0.08
CA LEU A 50 23.15 -5.28 1.32
C LEU A 50 21.98 -5.62 2.26
N MET A 51 22.33 -6.24 3.39
CA MET A 51 21.41 -6.73 4.42
C MET A 51 22.02 -6.57 5.80
N ILE A 52 21.19 -6.57 6.84
CA ILE A 52 21.63 -6.49 8.23
C ILE A 52 21.45 -7.88 8.89
N MET A 53 22.49 -8.34 9.59
CA MET A 53 22.51 -9.62 10.30
C MET A 53 22.73 -9.39 11.79
N LYS A 54 22.01 -10.14 12.64
CA LYS A 54 22.20 -10.08 14.08
C LYS A 54 22.18 -11.48 14.66
N THR A 55 23.27 -11.86 15.37
CA THR A 55 23.39 -13.15 16.03
C THR A 55 22.53 -13.10 17.29
N VAL A 56 21.47 -13.92 17.32
CA VAL A 56 20.51 -13.98 18.42
C VAL A 56 21.11 -14.69 19.64
N TYR A 57 21.78 -15.84 19.42
CA TYR A 57 22.41 -16.61 20.48
C TYR A 57 23.55 -17.49 19.99
N LYS A 58 24.51 -17.79 20.89
CA LYS A 58 25.69 -18.63 20.66
C LYS A 58 25.69 -19.79 21.65
N GLY A 59 25.87 -20.99 21.12
CA GLY A 59 25.93 -22.20 21.93
C GLY A 59 25.80 -23.47 21.12
N PRO A 60 25.64 -24.65 21.74
CA PRO A 60 25.48 -25.89 20.97
C PRO A 60 24.13 -25.88 20.27
N ASN A 61 24.00 -26.66 19.18
CA ASN A 61 22.74 -26.77 18.45
C ASN A 61 21.63 -27.30 19.36
N CYS A 62 20.44 -26.68 19.25
CA CYS A 62 19.23 -27.03 19.99
C CYS A 62 18.58 -28.28 19.37
N ILE A 63 17.59 -28.88 20.02
CA ILE A 63 16.91 -30.07 19.49
C ILE A 63 15.37 -29.92 19.56
N GLU A 64 14.88 -29.24 20.61
CA GLU A 64 13.46 -29.06 20.93
C GLU A 64 12.67 -28.07 20.06
N HIS A 65 13.19 -26.83 19.82
CA HIS A 65 12.43 -25.78 19.11
C HIS A 65 12.95 -25.35 17.71
N ASN A 66 14.00 -26.01 17.16
CA ASN A 66 14.63 -25.70 15.87
C ASN A 66 13.69 -25.74 14.65
N GLU A 67 12.70 -26.65 14.66
CA GLU A 67 11.71 -26.82 13.57
C GLU A 67 10.78 -25.60 13.41
N ALA A 68 10.20 -25.11 14.52
CA ALA A 68 9.29 -23.96 14.57
C ALA A 68 10.01 -22.58 14.63
N LEU A 69 11.37 -22.58 14.76
CA LEU A 69 12.23 -21.39 14.73
C LEU A 69 12.44 -20.99 13.26
N LEU A 70 12.31 -21.98 12.35
CA LEU A 70 12.44 -21.82 10.91
C LEU A 70 11.08 -21.43 10.34
N GLU A 71 9.99 -21.82 11.01
CA GLU A 71 8.61 -21.52 10.60
C GLU A 71 8.23 -20.10 10.99
N GLU A 72 8.75 -19.64 12.16
CA GLU A 72 8.56 -18.26 12.63
C GLU A 72 9.12 -17.31 11.55
N ALA A 73 10.34 -17.62 11.04
CA ALA A 73 11.05 -16.92 9.96
C ALA A 73 10.21 -16.81 8.68
N LYS A 74 9.60 -17.95 8.25
CA LYS A 74 8.70 -18.07 7.08
C LYS A 74 7.46 -17.18 7.20
N MET A 75 6.85 -17.12 8.40
CA MET A 75 5.65 -16.32 8.69
C MET A 75 5.93 -14.82 8.56
N MET A 76 7.11 -14.38 9.09
CA MET A 76 7.60 -13.00 9.07
C MET A 76 8.00 -12.56 7.68
N ASN A 77 8.68 -13.44 6.92
CA ASN A 77 9.11 -13.24 5.52
C ASN A 77 7.89 -12.99 4.61
N ARG A 78 6.71 -13.49 5.00
CA ARG A 78 5.46 -13.36 4.24
C ARG A 78 4.63 -12.09 4.60
N LEU A 79 5.20 -11.20 5.44
CA LEU A 79 4.63 -9.89 5.78
C LEU A 79 5.39 -8.91 4.86
N ARG A 80 4.85 -8.73 3.64
CA ARG A 80 5.42 -7.93 2.56
C ARG A 80 4.53 -6.75 2.30
N HIS A 81 5.09 -5.56 2.55
CA HIS A 81 4.45 -4.25 2.41
C HIS A 81 5.62 -3.29 2.40
N SER A 82 5.45 -2.13 1.72
CA SER A 82 6.47 -1.09 1.57
C SER A 82 6.91 -0.47 2.87
N ARG A 83 6.00 -0.38 3.86
CA ARG A 83 6.29 0.28 5.15
C ARG A 83 6.60 -0.66 6.29
N VAL A 84 6.81 -1.95 5.98
CA VAL A 84 7.08 -2.96 6.98
C VAL A 84 8.39 -3.62 6.58
N VAL A 85 9.31 -3.79 7.56
CA VAL A 85 10.60 -4.45 7.42
C VAL A 85 10.41 -5.91 6.98
N LYS A 86 11.20 -6.37 5.99
CA LYS A 86 11.12 -7.74 5.51
C LYS A 86 12.29 -8.57 6.03
N LEU A 87 11.99 -9.70 6.69
CA LEU A 87 13.03 -10.60 7.15
C LEU A 87 13.40 -11.42 5.94
N LEU A 88 14.65 -11.28 5.49
CA LEU A 88 15.16 -11.91 4.29
C LEU A 88 15.51 -13.38 4.48
N GLY A 89 15.92 -13.74 5.69
CA GLY A 89 16.25 -15.13 6.00
C GLY A 89 16.93 -15.38 7.33
N VAL A 90 17.38 -16.64 7.54
CA VAL A 90 18.07 -17.05 8.77
C VAL A 90 19.37 -17.78 8.48
N ILE A 91 20.41 -17.53 9.28
CA ILE A 91 21.70 -18.22 9.17
C ILE A 91 21.88 -19.12 10.39
N ILE A 92 21.86 -20.45 10.17
CA ILE A 92 22.06 -21.45 11.23
C ILE A 92 23.26 -22.32 10.86
N GLU A 93 24.42 -22.07 11.52
CA GLU A 93 25.67 -22.80 11.29
C GLU A 93 26.60 -22.82 12.51
N GLU A 94 27.22 -23.99 12.78
CA GLU A 94 28.17 -24.33 13.85
C GLU A 94 27.89 -23.59 15.19
N GLY A 95 26.67 -23.77 15.69
CA GLY A 95 26.21 -23.20 16.95
C GLY A 95 25.90 -21.72 16.95
N LYS A 96 25.34 -21.22 15.83
CA LYS A 96 24.94 -19.82 15.66
C LYS A 96 23.56 -19.71 15.01
N TYR A 97 22.69 -18.87 15.61
CA TYR A 97 21.32 -18.63 15.17
C TYR A 97 21.18 -17.12 14.94
N SER A 98 21.09 -16.70 13.64
CA SER A 98 21.06 -15.28 13.28
C SER A 98 19.98 -14.89 12.25
N LEU A 99 19.17 -13.85 12.59
CA LEU A 99 18.13 -13.31 11.70
C LEU A 99 18.77 -12.33 10.70
N VAL A 100 18.27 -12.31 9.45
CA VAL A 100 18.73 -11.40 8.39
C VAL A 100 17.57 -10.53 7.90
N MET A 101 17.76 -9.21 7.98
CA MET A 101 16.76 -8.25 7.56
C MET A 101 17.31 -7.29 6.51
N GLU A 102 16.44 -6.46 5.91
CA GLU A 102 16.87 -5.45 4.95
C GLU A 102 17.57 -4.28 5.65
N TYR A 103 18.31 -3.48 4.87
CA TYR A 103 19.09 -2.37 5.40
C TYR A 103 18.45 -1.00 5.20
N MET A 104 18.34 -0.23 6.30
CA MET A 104 17.81 1.13 6.33
C MET A 104 18.98 2.03 6.72
N GLU A 105 19.57 2.68 5.71
CA GLU A 105 20.78 3.50 5.75
C GLU A 105 20.85 4.55 6.86
N LYS A 106 19.71 5.23 7.17
CA LYS A 106 19.64 6.31 8.15
C LYS A 106 19.33 5.88 9.58
N GLY A 107 19.31 4.58 9.84
CA GLY A 107 18.98 4.04 11.16
C GLY A 107 17.51 4.24 11.51
N ASN A 108 17.24 4.64 12.76
CA ASN A 108 15.88 4.78 13.28
C ASN A 108 15.36 6.22 13.33
N LEU A 109 14.04 6.38 13.61
CA LEU A 109 13.34 7.65 13.67
C LEU A 109 13.98 8.68 14.59
N MET A 110 14.38 8.33 15.84
CA MET A 110 14.98 9.28 16.77
C MET A 110 16.35 9.80 16.33
N HIS A 111 17.16 8.95 15.69
CA HIS A 111 18.48 9.31 15.16
C HIS A 111 18.32 10.41 14.11
N VAL A 112 17.34 10.25 13.21
CA VAL A 112 16.98 11.21 12.17
C VAL A 112 16.35 12.49 12.79
N LEU A 113 15.59 12.36 13.89
CA LEU A 113 14.93 13.48 14.57
C LEU A 113 15.87 14.34 15.43
N LYS A 114 17.07 13.81 15.75
CA LYS A 114 18.05 14.48 16.59
C LYS A 114 19.25 14.99 15.77
N ALA A 115 19.15 14.89 14.43
CA ALA A 115 20.17 15.36 13.47
C ALA A 115 20.21 16.90 13.44
N GLU A 116 21.35 17.47 12.93
CA GLU A 116 21.60 18.91 12.81
C GLU A 116 20.51 19.63 12.02
N MET A 117 20.36 19.31 10.72
CA MET A 117 19.31 19.89 9.88
C MET A 117 17.94 19.37 10.32
N SER A 118 16.95 20.27 10.37
CA SER A 118 15.59 19.90 10.76
C SER A 118 14.95 19.19 9.59
N THR A 119 14.17 18.15 9.89
CA THR A 119 13.46 17.37 8.87
C THR A 119 12.28 18.26 8.44
N PRO A 120 12.08 18.48 7.12
CA PRO A 120 10.95 19.32 6.67
C PRO A 120 9.59 18.84 7.19
N LEU A 121 8.65 19.77 7.42
CA LEU A 121 7.29 19.45 7.89
C LEU A 121 6.64 18.46 6.93
N SER A 122 6.93 18.62 5.63
CA SER A 122 6.43 17.78 4.55
C SER A 122 6.88 16.34 4.74
N VAL A 123 8.19 16.14 4.99
CA VAL A 123 8.80 14.83 5.21
C VAL A 123 8.23 14.16 6.49
N LYS A 124 8.08 14.94 7.57
CA LYS A 124 7.49 14.47 8.83
C LYS A 124 6.05 14.07 8.62
N GLY A 125 5.35 14.79 7.71
CA GLY A 125 3.95 14.53 7.34
C GLY A 125 3.79 13.22 6.63
N ARG A 126 4.70 12.94 5.70
CA ARG A 126 4.79 11.73 4.90
C ARG A 126 5.13 10.48 5.76
N ILE A 127 6.08 10.62 6.72
CA ILE A 127 6.50 9.58 7.67
C ILE A 127 5.28 9.11 8.46
N ILE A 128 4.51 10.04 9.05
CA ILE A 128 3.31 9.72 9.83
C ILE A 128 2.33 8.83 9.02
N LEU A 129 2.03 9.24 7.79
CA LEU A 129 1.15 8.52 6.86
C LEU A 129 1.72 7.12 6.54
N GLU A 130 3.04 7.00 6.41
CA GLU A 130 3.71 5.72 6.18
C GLU A 130 3.68 4.83 7.43
N ILE A 131 3.69 5.42 8.64
CA ILE A 131 3.55 4.67 9.91
C ILE A 131 2.09 4.13 9.94
N ILE A 132 1.10 4.94 9.53
CA ILE A 132 -0.31 4.54 9.46
C ILE A 132 -0.47 3.35 8.49
N GLU A 133 0.03 3.49 7.24
CA GLU A 133 0.02 2.46 6.22
C GLU A 133 0.55 1.11 6.73
N GLY A 134 1.77 1.11 7.25
CA GLY A 134 2.39 -0.10 7.78
C GLY A 134 1.63 -0.70 8.94
N MET A 135 1.03 0.16 9.78
CA MET A 135 0.26 -0.30 10.92
C MET A 135 -1.09 -0.92 10.51
N ALA A 136 -1.78 -0.31 9.52
CA ALA A 136 -3.06 -0.78 9.00
C ALA A 136 -2.87 -2.12 8.31
N TYR A 137 -1.74 -2.29 7.61
CA TYR A 137 -1.40 -3.55 6.98
C TYR A 137 -1.19 -4.69 8.01
N LEU A 138 -0.27 -4.50 9.00
CA LEU A 138 -0.01 -5.47 10.07
C LEU A 138 -1.29 -5.87 10.82
N HIS A 139 -2.17 -4.90 11.15
CA HIS A 139 -3.44 -5.21 11.83
C HIS A 139 -4.34 -6.08 10.94
N GLY A 140 -4.49 -5.69 9.68
CA GLY A 140 -5.27 -6.40 8.66
C GLY A 140 -4.85 -7.84 8.48
N LYS A 141 -3.56 -8.12 8.73
CA LYS A 141 -2.90 -9.42 8.66
C LYS A 141 -2.84 -10.11 10.08
N GLY A 142 -3.68 -9.64 11.01
CA GLY A 142 -3.78 -10.15 12.38
C GLY A 142 -2.58 -9.99 13.28
N VAL A 143 -1.67 -9.03 12.97
CA VAL A 143 -0.43 -8.76 13.71
C VAL A 143 -0.51 -7.48 14.58
N ILE A 144 -0.37 -7.63 15.91
N ILE A 144 -0.33 -7.66 15.89
CA ILE A 144 -0.36 -6.53 16.88
CA ILE A 144 -0.32 -6.60 16.90
C ILE A 144 1.10 -6.34 17.29
C ILE A 144 1.15 -6.37 17.28
N HIS A 145 1.63 -5.12 17.11
CA HIS A 145 3.03 -4.79 17.39
C HIS A 145 3.42 -4.85 18.88
N LYS A 146 2.64 -4.16 19.75
CA LYS A 146 2.84 -4.03 21.21
C LYS A 146 4.15 -3.32 21.63
N ASP A 147 4.99 -2.92 20.65
CA ASP A 147 6.30 -2.30 20.91
C ASP A 147 6.59 -1.15 19.91
N LEU A 148 5.52 -0.48 19.37
CA LEU A 148 5.74 0.62 18.41
C LEU A 148 6.41 1.79 19.11
N LYS A 149 7.58 2.15 18.62
CA LYS A 149 8.42 3.21 19.17
C LYS A 149 9.40 3.73 18.11
N PRO A 150 9.95 4.97 18.26
CA PRO A 150 10.88 5.51 17.24
C PRO A 150 12.11 4.65 16.96
N GLU A 151 12.57 3.90 17.97
CA GLU A 151 13.70 2.96 17.87
C GLU A 151 13.34 1.77 16.93
N ASN A 152 12.02 1.51 16.74
CA ASN A 152 11.46 0.45 15.88
C ASN A 152 10.96 0.97 14.51
N ILE A 153 11.18 2.26 14.21
CA ILE A 153 10.78 2.88 12.95
C ILE A 153 12.09 3.14 12.25
N LEU A 154 12.33 2.42 11.17
CA LEU A 154 13.58 2.51 10.45
C LEU A 154 13.45 3.37 9.20
N VAL A 155 14.38 4.32 9.06
CA VAL A 155 14.46 5.30 7.98
C VAL A 155 15.59 4.97 6.98
N ASP A 156 15.27 5.00 5.68
CA ASP A 156 16.24 4.81 4.60
C ASP A 156 16.84 6.18 4.18
N ASN A 157 17.79 6.21 3.22
CA ASN A 157 18.45 7.46 2.79
C ASN A 157 17.51 8.45 2.05
N ASP A 158 16.34 7.99 1.61
CA ASP A 158 15.35 8.80 0.90
C ASP A 158 14.25 9.34 1.86
N PHE A 159 14.41 9.05 3.17
CA PHE A 159 13.52 9.45 4.27
C PHE A 159 12.17 8.70 4.26
N HIS A 160 12.16 7.46 3.80
CA HIS A 160 11.00 6.56 3.81
C HIS A 160 11.20 5.58 4.96
N ILE A 161 10.12 5.25 5.66
CA ILE A 161 10.20 4.41 6.84
C ILE A 161 9.69 2.96 6.61
N LYS A 162 10.10 2.07 7.55
CA LYS A 162 9.69 0.68 7.64
C LYS A 162 9.58 0.36 9.13
N ILE A 163 8.45 -0.23 9.54
CA ILE A 163 8.20 -0.67 10.91
C ILE A 163 8.88 -2.01 11.10
N ALA A 164 9.72 -2.11 12.13
CA ALA A 164 10.50 -3.31 12.49
C ALA A 164 10.09 -3.84 13.88
N ASP A 165 10.60 -5.04 14.27
CA ASP A 165 10.35 -5.66 15.58
C ASP A 165 11.69 -6.10 16.18
N LEU A 166 12.55 -5.12 16.44
CA LEU A 166 13.92 -5.31 16.93
C LEU A 166 14.00 -5.81 18.38
N GLY A 167 12.90 -5.74 19.12
CA GLY A 167 12.84 -6.20 20.51
C GLY A 167 12.24 -7.58 20.64
N LEU A 168 11.99 -8.23 19.49
CA LEU A 168 11.46 -9.58 19.33
C LEU A 168 10.12 -9.80 20.07
N ALA A 169 9.31 -8.70 20.17
CA ALA A 169 7.99 -8.68 20.80
C ALA A 169 6.96 -9.53 20.04
N SER A 170 7.24 -9.82 18.75
CA SER A 170 6.37 -10.59 17.86
C SER A 170 7.07 -11.87 17.37
N PHE A 171 8.39 -11.97 17.63
CA PHE A 171 9.23 -13.15 17.35
C PHE A 171 9.31 -13.95 18.66
N LYS A 172 8.28 -14.78 18.95
CA LYS A 172 8.17 -15.56 20.18
C LYS A 172 9.15 -16.75 20.32
N MET A 173 9.51 -17.43 19.22
CA MET A 173 10.46 -18.55 19.25
C MET A 173 11.87 -17.98 19.44
N TRP A 174 12.22 -16.97 18.62
CA TRP A 174 13.48 -16.22 18.62
C TRP A 174 13.74 -15.43 19.92
N SER A 175 12.66 -15.05 20.65
CA SER A 175 12.73 -14.33 21.94
C SER A 175 13.23 -15.27 23.04
N LYS A 176 12.75 -16.53 23.04
CA LYS A 176 13.10 -17.61 23.98
C LYS A 176 14.58 -17.98 23.87
N LEU A 177 15.13 -17.94 22.64
CA LEU A 177 16.52 -18.23 22.30
C LEU A 177 17.53 -17.36 23.08
N ASN A 178 17.09 -16.19 23.60
CA ASN A 178 17.92 -15.30 24.42
C ASN A 178 17.04 -14.49 25.40
N GLY A 197 13.92 -1.53 27.00
CA GLY A 197 12.47 -1.49 27.11
C GLY A 197 11.92 -0.15 27.56
N THR A 198 11.06 0.48 26.70
CA THR A 198 10.45 1.78 26.97
C THR A 198 8.93 1.69 27.23
N LEU A 199 8.52 2.27 28.37
CA LEU A 199 7.13 2.32 28.83
C LEU A 199 6.52 3.68 28.50
N TYR A 200 7.27 4.56 27.80
CA TYR A 200 6.78 5.88 27.41
C TYR A 200 5.70 5.81 26.35
N TYR A 201 5.76 4.75 25.52
CA TYR A 201 4.85 4.47 24.40
C TYR A 201 3.79 3.41 24.76
N MET A 202 3.92 2.77 25.95
CA MET A 202 3.01 1.74 26.40
C MET A 202 1.69 2.29 26.83
N ALA A 203 0.62 1.62 26.38
CA ALA A 203 -0.74 1.99 26.70
C ALA A 203 -0.97 1.83 28.20
N PRO A 204 -1.70 2.78 28.85
CA PRO A 204 -1.94 2.68 30.30
C PRO A 204 -2.56 1.35 30.74
N GLU A 205 -3.47 0.78 29.92
CA GLU A 205 -4.10 -0.52 30.18
C GLU A 205 -3.10 -1.67 30.38
N HIS A 206 -1.89 -1.57 29.76
CA HIS A 206 -0.82 -2.56 29.85
C HIS A 206 0.10 -2.26 31.03
N LEU A 207 0.19 -0.97 31.45
CA LEU A 207 0.95 -0.58 32.64
C LEU A 207 0.25 -1.17 33.86
N ASN A 208 1.03 -1.82 34.75
CA ASN A 208 0.55 -2.53 35.96
C ASN A 208 -0.58 -3.54 35.67
N ASP A 209 -0.61 -4.11 34.43
CA ASP A 209 -1.57 -5.12 33.97
C ASP A 209 -0.98 -5.89 32.78
N VAL A 210 -0.02 -6.76 33.07
CA VAL A 210 0.67 -7.59 32.09
C VAL A 210 -0.20 -8.64 31.43
N ASN A 211 -1.28 -9.07 32.10
CA ASN A 211 -2.17 -10.12 31.60
C ASN A 211 -3.13 -9.65 30.54
N ALA A 212 -3.45 -8.33 30.53
CA ALA A 212 -4.33 -7.73 29.51
C ALA A 212 -3.79 -8.01 28.07
N LYS A 213 -4.67 -8.48 27.18
CA LYS A 213 -4.31 -8.83 25.82
C LYS A 213 -4.06 -7.58 24.95
N PRO A 214 -2.90 -7.47 24.26
CA PRO A 214 -2.67 -6.29 23.40
C PRO A 214 -3.63 -6.29 22.21
N THR A 215 -4.22 -5.12 21.94
CA THR A 215 -5.21 -4.91 20.88
C THR A 215 -4.71 -3.93 19.82
N GLU A 216 -5.58 -3.55 18.86
CA GLU A 216 -5.26 -2.58 17.81
C GLU A 216 -5.11 -1.19 18.44
N LYS A 217 -5.87 -0.95 19.52
CA LYS A 217 -5.91 0.27 20.33
C LYS A 217 -4.68 0.46 21.20
N SER A 218 -3.87 -0.60 21.36
CA SER A 218 -2.65 -0.53 22.14
C SER A 218 -1.62 0.19 21.31
N ASP A 219 -1.57 -0.12 19.99
CA ASP A 219 -0.62 0.43 19.02
C ASP A 219 -0.96 1.83 18.62
N VAL A 220 -2.26 2.20 18.70
CA VAL A 220 -2.76 3.56 18.45
C VAL A 220 -2.15 4.50 19.50
N TYR A 221 -2.13 4.07 20.80
CA TYR A 221 -1.53 4.84 21.90
C TYR A 221 -0.06 5.11 21.62
N SER A 222 0.69 4.08 21.25
CA SER A 222 2.11 4.18 20.93
C SER A 222 2.37 5.16 19.78
N PHE A 223 1.45 5.18 18.78
CA PHE A 223 1.45 6.06 17.61
C PHE A 223 1.33 7.54 18.03
N ALA A 224 0.44 7.83 19.00
CA ALA A 224 0.21 9.16 19.56
C ALA A 224 1.50 9.69 20.19
N VAL A 225 2.22 8.85 20.95
CA VAL A 225 3.49 9.26 21.55
C VAL A 225 4.55 9.43 20.44
N VAL A 226 4.53 8.58 19.40
CA VAL A 226 5.43 8.71 18.25
C VAL A 226 5.19 10.08 17.55
N LEU A 227 3.90 10.50 17.43
CA LEU A 227 3.47 11.79 16.87
C LEU A 227 4.10 12.95 17.62
N TRP A 228 4.12 12.83 18.97
CA TRP A 228 4.69 13.82 19.87
C TRP A 228 6.21 13.88 19.68
N ALA A 229 6.89 12.71 19.73
CA ALA A 229 8.34 12.59 19.58
C ALA A 229 8.85 13.12 18.25
N ILE A 230 7.99 13.12 17.21
CA ILE A 230 8.31 13.60 15.87
C ILE A 230 8.42 15.14 15.86
N PHE A 231 7.41 15.82 16.42
CA PHE A 231 7.39 17.28 16.43
C PHE A 231 8.20 17.88 17.58
N ALA A 232 8.39 17.14 18.68
CA ALA A 232 9.20 17.62 19.81
C ALA A 232 10.69 17.30 19.61
N ASN A 233 11.02 16.39 18.64
CA ASN A 233 12.37 15.95 18.22
C ASN A 233 13.20 15.32 19.36
N LYS A 234 12.52 14.79 20.39
CA LYS A 234 13.12 14.17 21.57
C LYS A 234 12.14 13.19 22.25
N GLU A 235 12.67 12.30 23.13
CA GLU A 235 11.89 11.33 23.91
C GLU A 235 11.06 12.09 24.94
N PRO A 236 9.83 11.65 25.28
CA PRO A 236 9.05 12.37 26.29
C PRO A 236 9.52 12.07 27.72
N TYR A 237 8.91 12.79 28.70
CA TYR A 237 9.10 12.69 30.15
C TYR A 237 10.57 12.75 30.65
N GLN A 244 8.28 4.49 38.99
CA GLN A 244 7.03 4.07 39.61
C GLN A 244 5.98 5.20 39.66
N GLN A 245 6.39 6.41 40.10
CA GLN A 245 5.53 7.60 40.20
C GLN A 245 5.09 8.14 38.82
N LEU A 246 5.89 7.86 37.77
CA LEU A 246 5.61 8.22 36.38
C LEU A 246 4.45 7.33 35.88
N ILE A 247 4.53 6.02 36.18
CA ILE A 247 3.56 4.99 35.81
C ILE A 247 2.17 5.28 36.38
N MET A 248 2.09 5.76 37.64
CA MET A 248 0.78 6.08 38.23
C MET A 248 0.23 7.37 37.67
N ALA A 249 1.14 8.27 37.23
CA ALA A 249 0.77 9.54 36.61
C ALA A 249 0.14 9.24 35.22
N ILE A 250 0.86 8.45 34.36
CA ILE A 250 0.40 8.02 33.03
C ILE A 250 -0.94 7.25 33.14
N LYS A 251 -1.12 6.47 34.23
CA LYS A 251 -2.38 5.75 34.46
C LYS A 251 -3.51 6.68 34.86
N SER A 252 -3.19 7.82 35.48
CA SER A 252 -4.23 8.78 35.88
C SER A 252 -4.72 9.64 34.71
N GLY A 253 -3.81 10.00 33.80
CA GLY A 253 -4.11 10.80 32.63
C GLY A 253 -2.97 11.62 32.10
N ASN A 254 -1.80 11.57 32.79
CA ASN A 254 -0.58 12.29 32.41
C ASN A 254 -0.11 11.82 31.05
N ARG A 255 0.19 12.79 30.19
CA ARG A 255 0.62 12.54 28.81
C ARG A 255 1.80 13.47 28.46
N PRO A 256 2.60 13.19 27.41
CA PRO A 256 3.69 14.12 27.07
C PRO A 256 3.11 15.51 26.78
N ASP A 257 3.72 16.53 27.38
CA ASP A 257 3.27 17.92 27.29
C ASP A 257 3.45 18.48 25.90
N VAL A 258 2.34 18.91 25.31
CA VAL A 258 2.25 19.51 23.98
C VAL A 258 3.06 20.84 23.95
N ASP A 259 3.11 21.54 25.09
CA ASP A 259 3.83 22.80 25.27
C ASP A 259 5.36 22.62 25.16
N ASP A 260 5.86 21.39 25.35
CA ASP A 260 7.27 21.03 25.26
C ASP A 260 7.76 21.04 23.79
N ILE A 261 6.83 20.98 22.82
CA ILE A 261 7.12 21.03 21.39
C ILE A 261 7.47 22.47 21.05
N THR A 262 8.70 22.71 20.55
CA THR A 262 9.10 24.07 20.21
C THR A 262 8.74 24.38 18.77
N GLU A 263 9.27 23.60 17.79
CA GLU A 263 9.03 23.82 16.35
C GLU A 263 7.55 23.74 15.94
N TYR A 264 7.25 24.17 14.70
CA TYR A 264 5.90 24.22 14.17
C TYR A 264 5.24 22.84 14.01
N CYS A 265 4.03 22.69 14.59
CA CYS A 265 3.16 21.53 14.48
C CYS A 265 1.70 21.93 14.24
N PRO A 266 1.03 21.41 13.17
CA PRO A 266 -0.38 21.77 12.92
C PRO A 266 -1.33 21.45 14.09
N ARG A 267 -2.36 22.30 14.29
CA ARG A 267 -3.36 22.11 15.37
C ARG A 267 -4.08 20.78 15.19
N GLU A 268 -4.29 20.38 13.92
CA GLU A 268 -4.95 19.13 13.52
C GLU A 268 -4.18 17.88 13.95
N ILE A 269 -2.83 17.92 13.93
CA ILE A 269 -1.98 16.80 14.37
C ILE A 269 -2.01 16.72 15.90
N ILE A 270 -2.00 17.90 16.57
CA ILE A 270 -2.07 18.02 18.03
C ILE A 270 -3.35 17.31 18.53
N SER A 271 -4.47 17.55 17.84
CA SER A 271 -5.76 16.95 18.13
C SER A 271 -5.75 15.44 17.87
N LEU A 272 -5.05 14.99 16.79
CA LEU A 272 -4.89 13.58 16.42
C LEU A 272 -4.14 12.78 17.50
N MET A 273 -3.06 13.34 18.11
CA MET A 273 -2.34 12.61 19.17
C MET A 273 -3.13 12.53 20.46
N LYS A 274 -3.88 13.61 20.77
CA LYS A 274 -4.73 13.73 21.96
C LYS A 274 -5.77 12.63 21.96
N LEU A 275 -6.47 12.49 20.81
CA LEU A 275 -7.49 11.49 20.52
C LEU A 275 -6.94 10.06 20.57
N CYS A 276 -5.73 9.84 20.08
CA CYS A 276 -5.10 8.51 20.07
C CYS A 276 -4.53 8.11 21.44
N TRP A 277 -4.14 9.06 22.30
CA TRP A 277 -3.66 8.70 23.63
C TRP A 277 -4.78 8.81 24.71
N GLU A 278 -6.07 8.82 24.29
CA GLU A 278 -7.25 8.82 25.17
C GLU A 278 -7.19 7.61 26.14
N ALA A 279 -7.61 7.81 27.42
CA ALA A 279 -7.57 6.77 28.46
C ALA A 279 -8.34 5.49 28.07
N ASN A 280 -9.63 5.65 27.66
CA ASN A 280 -10.45 4.53 27.22
C ASN A 280 -9.99 4.02 25.84
N PRO A 281 -9.53 2.75 25.71
CA PRO A 281 -9.11 2.26 24.38
C PRO A 281 -10.23 2.32 23.33
N GLU A 282 -11.51 2.20 23.76
CA GLU A 282 -12.68 2.22 22.87
C GLU A 282 -12.88 3.59 22.21
N ALA A 283 -12.46 4.66 22.90
CA ALA A 283 -12.57 6.02 22.37
C ALA A 283 -11.55 6.30 21.26
N ARG A 284 -10.36 5.64 21.33
CA ARG A 284 -9.29 5.74 20.32
C ARG A 284 -9.77 5.20 18.96
N PRO A 285 -9.38 5.81 17.83
CA PRO A 285 -9.80 5.26 16.53
C PRO A 285 -8.86 4.14 16.07
N THR A 286 -9.16 3.54 14.91
CA THR A 286 -8.31 2.48 14.32
C THR A 286 -7.38 3.15 13.29
N PHE A 287 -6.35 2.43 12.81
CA PHE A 287 -5.42 2.95 11.80
C PHE A 287 -6.14 3.24 10.44
N PRO A 288 -7.08 2.40 9.89
CA PRO A 288 -7.77 2.78 8.64
C PRO A 288 -8.62 4.04 8.80
N GLY A 289 -9.11 4.27 10.03
CA GLY A 289 -9.85 5.45 10.42
C GLY A 289 -8.95 6.67 10.60
N ILE A 290 -7.68 6.46 11.00
CA ILE A 290 -6.67 7.51 11.16
C ILE A 290 -6.27 7.93 9.72
N GLU A 291 -6.10 6.92 8.84
CA GLU A 291 -5.71 7.11 7.45
C GLU A 291 -6.74 7.87 6.64
N GLU A 292 -8.06 7.60 6.87
CA GLU A 292 -9.13 8.26 6.11
C GLU A 292 -9.29 9.76 6.48
N LYS A 293 -8.64 10.20 7.57
CA LYS A 293 -8.63 11.59 7.98
C LYS A 293 -7.25 12.21 7.69
N PHE A 294 -6.17 11.47 7.91
CA PHE A 294 -4.81 11.96 7.71
C PHE A 294 -4.45 12.11 6.23
N ARG A 295 -4.77 11.11 5.39
CA ARG A 295 -4.42 11.19 3.97
C ARG A 295 -5.01 12.44 3.27
N PRO A 296 -6.32 12.81 3.40
CA PRO A 296 -6.78 14.04 2.73
C PRO A 296 -6.00 15.26 3.21
N PHE A 297 -5.79 15.32 4.53
CA PHE A 297 -5.08 16.38 5.22
C PHE A 297 -3.67 16.58 4.70
N TYR A 298 -2.87 15.51 4.60
CA TYR A 298 -1.49 15.51 4.13
C TYR A 298 -1.44 15.99 2.68
N LEU A 299 -2.37 15.50 1.86
CA LEU A 299 -2.48 15.83 0.44
C LEU A 299 -2.91 17.24 0.22
N SER A 300 -3.74 17.80 1.12
CA SER A 300 -4.22 19.15 0.87
C SER A 300 -3.30 20.20 1.43
N GLN A 301 -2.76 19.98 2.63
CA GLN A 301 -1.92 20.91 3.36
C GLN A 301 -0.41 20.61 3.46
N LEU A 302 0.05 19.33 3.41
CA LEU A 302 1.50 19.09 3.62
C LEU A 302 2.36 18.66 2.42
N GLU A 303 1.82 17.81 1.52
CA GLU A 303 2.52 17.23 0.36
C GLU A 303 3.08 18.29 -0.58
N VAL B 18 -26.82 -1.04 3.31
CA VAL B 18 -26.48 -0.31 4.54
C VAL B 18 -25.88 1.08 4.22
N ILE B 19 -24.94 1.16 3.23
CA ILE B 19 -24.31 2.42 2.79
C ILE B 19 -24.99 2.88 1.45
N LYS B 20 -26.30 3.19 1.59
CA LYS B 20 -27.18 3.67 0.54
C LYS B 20 -27.37 5.17 0.70
N MET B 21 -27.16 5.91 -0.39
CA MET B 21 -27.27 7.36 -0.40
C MET B 21 -28.63 7.79 -0.89
N LYS B 22 -29.09 8.96 -0.41
CA LYS B 22 -30.34 9.62 -0.79
C LYS B 22 -29.97 10.69 -1.78
N SER B 23 -30.89 11.04 -2.70
CA SER B 23 -30.65 12.08 -3.70
C SER B 23 -30.73 13.48 -3.10
N SER B 24 -31.34 13.60 -1.91
CA SER B 24 -31.59 14.82 -1.14
C SER B 24 -30.37 15.73 -0.99
N ASP B 25 -29.18 15.11 -0.78
CA ASP B 25 -27.89 15.77 -0.57
C ASP B 25 -27.31 16.49 -1.81
N PHE B 26 -27.65 16.01 -3.00
CA PHE B 26 -27.11 16.45 -4.30
C PHE B 26 -28.00 17.39 -5.15
N LEU B 27 -27.54 17.66 -6.41
CA LEU B 27 -28.20 18.42 -7.50
C LEU B 27 -28.06 17.65 -8.85
N GLU B 28 -28.86 18.02 -9.88
CA GLU B 28 -28.90 17.30 -11.17
C GLU B 28 -27.94 17.80 -12.27
N SER B 29 -27.34 16.87 -13.04
CA SER B 29 -26.44 17.15 -14.17
C SER B 29 -26.45 16.04 -15.22
N SER B 41 -23.88 12.18 -15.09
CA SER B 41 -24.27 12.89 -13.86
C SER B 41 -23.03 13.38 -13.10
N LEU B 42 -23.15 14.50 -12.38
CA LEU B 42 -22.07 15.15 -11.65
C LEU B 42 -22.71 15.97 -10.53
N ALA B 43 -22.36 15.68 -9.27
CA ALA B 43 -22.98 16.38 -8.16
C ALA B 43 -22.08 16.63 -6.97
N PHE B 44 -22.36 17.74 -6.25
CA PHE B 44 -21.66 18.10 -5.02
C PHE B 44 -22.47 17.56 -3.87
N HIS B 45 -21.87 16.65 -3.11
CA HIS B 45 -22.47 16.08 -1.90
C HIS B 45 -22.07 16.97 -0.73
N ARG B 46 -23.04 17.37 0.08
CA ARG B 46 -22.74 18.19 1.26
C ARG B 46 -22.00 17.33 2.27
N THR B 47 -20.78 17.77 2.70
CA THR B 47 -19.94 17.06 3.71
C THR B 47 -19.02 15.97 3.06
N GLN B 48 -19.16 15.67 1.77
CA GLN B 48 -18.28 14.65 1.18
C GLN B 48 -17.58 15.11 -0.09
N GLY B 49 -17.89 16.34 -0.52
CA GLY B 49 -17.27 16.95 -1.70
C GLY B 49 -17.88 16.51 -3.01
N LEU B 50 -17.24 16.95 -4.10
CA LEU B 50 -17.68 16.67 -5.47
C LEU B 50 -17.65 15.17 -5.79
N MET B 51 -18.67 14.70 -6.52
CA MET B 51 -18.85 13.30 -6.88
C MET B 51 -19.39 13.13 -8.30
N ILE B 52 -19.05 11.99 -8.91
CA ILE B 52 -19.54 11.61 -10.22
C ILE B 52 -20.48 10.42 -10.02
N MET B 53 -21.59 10.45 -10.76
CA MET B 53 -22.60 9.42 -10.74
C MET B 53 -22.75 8.81 -12.11
N LYS B 54 -23.25 7.58 -12.13
CA LYS B 54 -23.59 6.83 -13.31
C LYS B 54 -24.96 6.21 -13.04
N THR B 55 -25.98 6.68 -13.77
CA THR B 55 -27.34 6.16 -13.73
C THR B 55 -27.33 4.99 -14.69
N VAL B 56 -27.38 3.80 -14.11
CA VAL B 56 -27.27 2.53 -14.80
C VAL B 56 -28.66 2.10 -15.34
N TYR B 57 -29.73 2.41 -14.58
CA TYR B 57 -31.09 2.05 -14.92
C TYR B 57 -32.10 3.11 -14.49
N LYS B 58 -33.12 3.34 -15.33
CA LYS B 58 -34.23 4.26 -15.09
C LYS B 58 -35.53 3.50 -15.40
N GLY B 59 -36.28 3.18 -14.34
CA GLY B 59 -37.52 2.41 -14.46
C GLY B 59 -38.13 1.97 -13.15
N PRO B 60 -39.08 1.00 -13.19
CA PRO B 60 -39.73 0.54 -11.94
C PRO B 60 -38.80 -0.11 -10.92
N ASN B 61 -38.88 0.38 -9.65
CA ASN B 61 -38.08 -0.08 -8.52
C ASN B 61 -38.81 -1.14 -7.67
N CYS B 62 -38.15 -2.32 -7.42
CA CYS B 62 -38.71 -3.43 -6.63
C CYS B 62 -37.68 -4.01 -5.63
N ILE B 63 -38.03 -3.93 -4.33
CA ILE B 63 -37.29 -4.31 -3.11
C ILE B 63 -36.53 -5.68 -3.16
N GLU B 64 -37.02 -6.69 -3.93
CA GLU B 64 -36.42 -8.03 -4.01
C GLU B 64 -35.06 -8.06 -4.73
N HIS B 65 -35.01 -7.55 -5.98
CA HIS B 65 -33.80 -7.46 -6.80
C HIS B 65 -32.78 -6.46 -6.22
N ASN B 66 -33.24 -5.54 -5.34
CA ASN B 66 -32.45 -4.49 -4.73
C ASN B 66 -31.43 -4.97 -3.72
N GLU B 67 -31.72 -6.00 -2.90
CA GLU B 67 -30.73 -6.47 -1.93
C GLU B 67 -29.45 -6.97 -2.63
N ALA B 68 -29.61 -7.77 -3.69
CA ALA B 68 -28.50 -8.24 -4.53
C ALA B 68 -27.64 -7.05 -5.01
N LEU B 69 -28.33 -5.93 -5.40
CA LEU B 69 -27.72 -4.68 -5.86
C LEU B 69 -27.02 -3.90 -4.73
N LEU B 70 -27.59 -3.93 -3.49
CA LEU B 70 -27.06 -3.26 -2.31
C LEU B 70 -25.86 -4.00 -1.75
N GLU B 71 -25.92 -5.33 -1.76
CA GLU B 71 -24.92 -6.25 -1.24
C GLU B 71 -23.62 -6.20 -2.06
N GLU B 72 -23.75 -6.19 -3.41
CA GLU B 72 -22.63 -6.10 -4.35
C GLU B 72 -21.90 -4.77 -4.19
N ALA B 73 -22.67 -3.70 -3.96
CA ALA B 73 -22.17 -2.36 -3.73
C ALA B 73 -21.38 -2.30 -2.42
N LYS B 74 -21.89 -2.99 -1.36
CA LYS B 74 -21.30 -3.08 -0.03
C LYS B 74 -20.00 -3.86 -0.14
N MET B 75 -19.96 -4.85 -1.05
CA MET B 75 -18.77 -5.63 -1.35
C MET B 75 -17.64 -4.75 -1.92
N MET B 76 -17.95 -3.88 -2.93
CA MET B 76 -16.99 -2.95 -3.56
C MET B 76 -16.59 -1.85 -2.61
N ASN B 77 -17.55 -1.36 -1.82
CA ASN B 77 -17.28 -0.33 -0.80
C ASN B 77 -16.20 -0.77 0.21
N ARG B 78 -15.96 -2.11 0.34
CA ARG B 78 -14.96 -2.70 1.24
C ARG B 78 -13.56 -2.92 0.61
N LEU B 79 -13.41 -2.55 -0.69
CA LEU B 79 -12.11 -2.55 -1.34
C LEU B 79 -11.61 -1.12 -1.03
N ARG B 80 -10.89 -0.99 0.12
CA ARG B 80 -10.35 0.28 0.64
C ARG B 80 -8.82 0.33 0.53
N HIS B 81 -8.34 1.21 -0.35
CA HIS B 81 -6.94 1.40 -0.61
C HIS B 81 -6.80 2.75 -1.32
N SER B 82 -5.69 3.46 -1.07
CA SER B 82 -5.41 4.78 -1.64
C SER B 82 -5.35 4.81 -3.18
N ARG B 83 -5.03 3.67 -3.81
CA ARG B 83 -4.84 3.58 -5.26
C ARG B 83 -5.93 2.82 -6.00
N VAL B 84 -7.05 2.58 -5.33
CA VAL B 84 -8.22 1.93 -5.93
C VAL B 84 -9.45 2.80 -5.59
N VAL B 85 -10.37 2.94 -6.57
CA VAL B 85 -11.60 3.72 -6.45
C VAL B 85 -12.49 3.13 -5.37
N LYS B 86 -12.96 3.96 -4.48
CA LYS B 86 -13.87 3.57 -3.40
C LYS B 86 -15.26 4.04 -3.81
N LEU B 87 -16.15 3.05 -4.12
CA LEU B 87 -17.55 3.26 -4.42
C LEU B 87 -18.12 3.80 -3.09
N LEU B 88 -18.65 5.02 -3.11
CA LEU B 88 -19.15 5.69 -1.92
C LEU B 88 -20.55 5.28 -1.57
N GLY B 89 -21.36 5.09 -2.61
CA GLY B 89 -22.73 4.67 -2.43
C GLY B 89 -23.51 4.40 -3.68
N VAL B 90 -24.75 4.05 -3.47
CA VAL B 90 -25.72 3.76 -4.50
C VAL B 90 -27.00 4.50 -4.20
N ILE B 91 -27.67 4.95 -5.25
CA ILE B 91 -28.96 5.62 -5.14
C ILE B 91 -29.95 4.73 -5.87
N ILE B 92 -30.67 3.91 -5.07
CA ILE B 92 -31.75 3.05 -5.53
C ILE B 92 -33.02 3.83 -5.22
N GLU B 93 -33.58 4.43 -6.27
CA GLU B 93 -34.81 5.24 -6.20
C GLU B 93 -35.73 4.88 -7.36
N GLU B 94 -36.96 5.44 -7.34
CA GLU B 94 -37.93 5.23 -8.40
C GLU B 94 -37.45 5.91 -9.67
N GLY B 95 -37.24 5.11 -10.71
CA GLY B 95 -36.74 5.58 -11.99
C GLY B 95 -35.28 6.01 -12.00
N LYS B 96 -34.46 5.45 -11.09
CA LYS B 96 -33.04 5.77 -10.97
C LYS B 96 -32.26 4.80 -10.09
N TYR B 97 -31.33 4.05 -10.71
CA TYR B 97 -30.41 3.15 -10.04
C TYR B 97 -29.02 3.71 -10.39
N SER B 98 -28.36 4.28 -9.40
CA SER B 98 -27.12 4.98 -9.63
C SER B 98 -25.98 4.51 -8.78
N LEU B 99 -24.77 4.53 -9.38
CA LEU B 99 -23.53 4.27 -8.65
C LEU B 99 -22.88 5.63 -8.36
N VAL B 100 -22.34 5.85 -7.14
CA VAL B 100 -21.66 7.11 -6.77
C VAL B 100 -20.20 6.85 -6.28
N MET B 101 -19.27 7.68 -6.75
CA MET B 101 -17.83 7.65 -6.40
C MET B 101 -17.31 9.09 -6.47
N GLU B 102 -16.08 9.33 -5.92
CA GLU B 102 -15.43 10.64 -5.92
C GLU B 102 -14.97 11.00 -7.32
N TYR B 103 -15.19 12.25 -7.73
CA TYR B 103 -14.78 12.78 -9.03
C TYR B 103 -13.27 12.97 -9.09
N MET B 104 -12.65 12.40 -10.12
CA MET B 104 -11.23 12.53 -10.42
C MET B 104 -11.19 13.56 -11.54
N GLU B 105 -10.79 14.77 -11.16
CA GLU B 105 -10.78 15.99 -11.95
C GLU B 105 -9.99 15.93 -13.24
N LYS B 106 -8.88 15.15 -13.29
CA LYS B 106 -8.01 15.10 -14.48
C LYS B 106 -8.39 14.00 -15.47
N GLY B 107 -9.41 13.23 -15.13
CA GLY B 107 -9.91 12.16 -16.00
C GLY B 107 -9.08 10.91 -15.98
N ASN B 108 -9.01 10.24 -17.12
CA ASN B 108 -8.24 9.01 -17.19
C ASN B 108 -6.76 9.28 -17.52
N LEU B 109 -5.90 8.26 -17.38
CA LEU B 109 -4.46 8.32 -17.63
C LEU B 109 -4.13 8.74 -19.06
N MET B 110 -4.88 8.21 -20.03
CA MET B 110 -4.65 8.48 -21.44
C MET B 110 -4.86 9.95 -21.78
N HIS B 111 -5.89 10.57 -21.21
CA HIS B 111 -6.21 11.98 -21.40
C HIS B 111 -5.06 12.87 -20.88
N VAL B 112 -4.40 12.42 -19.80
CA VAL B 112 -3.28 13.09 -19.12
C VAL B 112 -1.98 13.00 -19.93
N LEU B 113 -1.64 11.81 -20.46
CA LEU B 113 -0.42 11.60 -21.25
C LEU B 113 -0.49 12.32 -22.60
N LYS B 114 -1.70 12.38 -23.20
CA LYS B 114 -1.95 13.02 -24.49
C LYS B 114 -2.08 14.56 -24.39
N ALA B 115 -2.16 15.11 -23.15
CA ALA B 115 -2.23 16.56 -22.87
C ALA B 115 -0.97 17.32 -23.35
N GLU B 116 -1.13 18.64 -23.64
CA GLU B 116 -0.05 19.52 -24.15
C GLU B 116 1.17 19.54 -23.24
N MET B 117 0.97 19.83 -21.93
CA MET B 117 2.01 19.87 -20.90
C MET B 117 2.64 18.49 -20.68
N SER B 118 3.93 18.35 -21.08
CA SER B 118 4.72 17.11 -20.97
C SER B 118 4.95 16.72 -19.52
N THR B 119 4.69 15.43 -19.21
CA THR B 119 4.83 14.87 -17.87
C THR B 119 6.25 14.31 -17.65
N PRO B 120 6.94 14.71 -16.55
CA PRO B 120 8.30 14.17 -16.34
C PRO B 120 8.29 12.77 -15.75
N LEU B 121 9.40 12.02 -15.99
CA LEU B 121 9.62 10.65 -15.51
C LEU B 121 9.27 10.42 -14.03
N SER B 122 9.55 11.39 -13.16
CA SER B 122 9.30 11.31 -11.71
C SER B 122 7.82 11.07 -11.42
N VAL B 123 6.93 11.75 -12.20
CA VAL B 123 5.48 11.66 -12.09
C VAL B 123 5.01 10.32 -12.70
N LYS B 124 5.51 9.98 -13.91
CA LYS B 124 5.18 8.75 -14.61
C LYS B 124 5.55 7.52 -13.78
N GLY B 125 6.75 7.53 -13.19
CA GLY B 125 7.26 6.48 -12.32
C GLY B 125 6.49 6.36 -11.02
N ARG B 126 5.95 7.48 -10.54
CA ARG B 126 5.13 7.44 -9.33
C ARG B 126 3.76 6.84 -9.68
N ILE B 127 3.25 7.17 -10.88
CA ILE B 127 2.00 6.64 -11.42
C ILE B 127 2.07 5.11 -11.54
N ILE B 128 3.16 4.60 -12.13
CA ILE B 128 3.48 3.17 -12.32
C ILE B 128 3.49 2.43 -10.98
N LEU B 129 4.18 2.96 -10.00
CA LEU B 129 4.26 2.39 -8.67
C LEU B 129 2.91 2.41 -7.95
N GLU B 130 2.06 3.39 -8.27
CA GLU B 130 0.72 3.47 -7.67
C GLU B 130 -0.21 2.40 -8.22
N ILE B 131 -0.09 2.12 -9.54
CA ILE B 131 -0.84 1.09 -10.26
C ILE B 131 -0.53 -0.26 -9.61
N ILE B 132 0.77 -0.60 -9.52
CA ILE B 132 1.27 -1.83 -8.90
C ILE B 132 0.66 -2.01 -7.52
N GLU B 133 0.73 -0.97 -6.63
CA GLU B 133 0.19 -1.04 -5.26
C GLU B 133 -1.31 -1.30 -5.28
N GLY B 134 -2.02 -0.63 -6.17
CA GLY B 134 -3.47 -0.81 -6.28
C GLY B 134 -3.83 -2.21 -6.70
N MET B 135 -3.12 -2.73 -7.70
CA MET B 135 -3.28 -4.09 -8.24
C MET B 135 -2.84 -5.16 -7.22
N ALA B 136 -1.75 -4.92 -6.51
CA ALA B 136 -1.30 -5.87 -5.48
C ALA B 136 -2.40 -5.96 -4.41
N TYR B 137 -3.08 -4.82 -4.13
CA TYR B 137 -4.14 -4.79 -3.14
C TYR B 137 -5.35 -5.64 -3.55
N LEU B 138 -5.83 -5.41 -4.79
CA LEU B 138 -6.97 -6.06 -5.39
C LEU B 138 -6.75 -7.57 -5.50
N HIS B 139 -5.55 -8.01 -5.95
CA HIS B 139 -5.20 -9.43 -6.06
C HIS B 139 -5.18 -10.09 -4.71
N GLY B 140 -4.60 -9.41 -3.72
CA GLY B 140 -4.54 -9.89 -2.34
C GLY B 140 -5.92 -10.04 -1.74
N LYS B 141 -6.94 -9.36 -2.35
CA LYS B 141 -8.36 -9.44 -1.94
C LYS B 141 -9.15 -10.36 -2.90
N GLY B 142 -8.44 -11.08 -3.76
CA GLY B 142 -9.01 -12.02 -4.74
C GLY B 142 -9.65 -11.40 -5.95
N VAL B 143 -9.61 -10.07 -6.07
CA VAL B 143 -10.20 -9.39 -7.21
C VAL B 143 -9.26 -9.42 -8.40
N ILE B 144 -9.76 -9.94 -9.51
CA ILE B 144 -9.04 -9.95 -10.78
C ILE B 144 -9.74 -8.88 -11.58
N HIS B 145 -8.99 -7.84 -12.00
CA HIS B 145 -9.58 -6.72 -12.73
C HIS B 145 -10.33 -7.15 -14.00
N LYS B 146 -9.62 -7.82 -14.95
CA LYS B 146 -10.09 -8.32 -16.25
C LYS B 146 -10.13 -7.24 -17.36
N ASP B 147 -10.16 -5.96 -16.97
CA ASP B 147 -10.24 -4.87 -17.93
C ASP B 147 -9.26 -3.73 -17.60
N LEU B 148 -8.00 -4.08 -17.25
CA LEU B 148 -7.01 -3.07 -16.89
C LEU B 148 -6.55 -2.35 -18.15
N LYS B 149 -6.71 -1.02 -18.17
CA LYS B 149 -6.35 -0.18 -19.32
C LYS B 149 -6.24 1.29 -18.89
N PRO B 150 -5.64 2.21 -19.70
CA PRO B 150 -5.54 3.62 -19.27
C PRO B 150 -6.86 4.26 -18.89
N GLU B 151 -7.96 3.80 -19.50
CA GLU B 151 -9.32 4.29 -19.27
C GLU B 151 -9.82 3.97 -17.86
N ASN B 152 -9.31 2.88 -17.30
CA ASN B 152 -9.67 2.49 -15.95
C ASN B 152 -8.63 2.95 -14.92
N ILE B 153 -7.70 3.84 -15.30
CA ILE B 153 -6.71 4.42 -14.36
C ILE B 153 -7.07 5.90 -14.26
N LEU B 154 -7.62 6.34 -13.12
CA LEU B 154 -8.10 7.73 -12.96
C LEU B 154 -7.12 8.63 -12.21
N VAL B 155 -6.99 9.91 -12.62
CA VAL B 155 -6.03 10.89 -12.07
C VAL B 155 -6.69 12.08 -11.34
N ASP B 156 -6.15 12.46 -10.16
CA ASP B 156 -6.60 13.64 -9.39
C ASP B 156 -5.75 14.90 -9.69
N ASN B 157 -6.12 16.06 -9.13
CA ASN B 157 -5.40 17.32 -9.34
C ASN B 157 -3.94 17.34 -8.81
N ASP B 158 -3.55 16.33 -8.01
CA ASP B 158 -2.22 16.18 -7.42
C ASP B 158 -1.38 15.11 -8.15
N PHE B 159 -1.84 14.66 -9.33
CA PHE B 159 -1.22 13.64 -10.18
C PHE B 159 -1.14 12.25 -9.53
N HIS B 160 -1.97 11.99 -8.50
CA HIS B 160 -2.07 10.68 -7.89
C HIS B 160 -3.17 9.92 -8.64
N ILE B 161 -3.03 8.60 -8.73
CA ILE B 161 -3.96 7.73 -9.47
C ILE B 161 -4.78 6.81 -8.59
N LYS B 162 -5.90 6.33 -9.16
CA LYS B 162 -6.84 5.35 -8.61
C LYS B 162 -7.21 4.34 -9.71
N ILE B 163 -7.32 3.07 -9.34
CA ILE B 163 -7.72 2.02 -10.28
C ILE B 163 -9.24 1.84 -10.20
N ALA B 164 -9.94 2.10 -11.32
CA ALA B 164 -11.40 2.01 -11.46
C ALA B 164 -11.79 0.82 -12.31
N ASP B 165 -13.11 0.63 -12.45
CA ASP B 165 -13.78 -0.40 -13.27
C ASP B 165 -15.04 0.27 -13.86
N LEU B 166 -14.81 1.24 -14.75
CA LEU B 166 -15.86 2.04 -15.40
C LEU B 166 -16.77 1.22 -16.33
N GLY B 167 -16.24 0.11 -16.84
CA GLY B 167 -16.96 -0.81 -17.69
C GLY B 167 -17.82 -1.82 -16.95
N LEU B 168 -17.80 -1.76 -15.60
CA LEU B 168 -18.60 -2.60 -14.70
C LEU B 168 -18.26 -4.10 -14.76
N ALA B 169 -17.06 -4.47 -15.29
CA ALA B 169 -16.61 -5.86 -15.46
C ALA B 169 -16.67 -6.71 -14.18
N SER B 170 -16.52 -6.11 -12.98
CA SER B 170 -16.57 -6.79 -11.68
C SER B 170 -17.94 -6.65 -11.01
N PHE B 171 -18.83 -5.83 -11.59
CA PHE B 171 -20.15 -5.54 -11.05
C PHE B 171 -21.21 -6.44 -11.69
N LYS B 172 -21.22 -7.75 -11.35
CA LYS B 172 -22.15 -8.75 -11.90
C LYS B 172 -23.64 -8.30 -11.97
N MET B 173 -24.18 -7.74 -10.89
CA MET B 173 -25.56 -7.30 -10.80
C MET B 173 -25.78 -5.94 -11.46
N TRP B 174 -24.85 -4.99 -11.23
CA TRP B 174 -24.99 -3.66 -11.79
C TRP B 174 -24.82 -3.68 -13.31
N SER B 175 -23.96 -4.59 -13.81
CA SER B 175 -23.69 -4.87 -15.23
C SER B 175 -24.96 -5.46 -15.88
N LYS B 176 -25.65 -6.41 -15.18
CA LYS B 176 -26.90 -7.04 -15.63
C LYS B 176 -28.02 -6.02 -15.72
N LEU B 177 -28.00 -5.02 -14.81
CA LEU B 177 -28.99 -3.94 -14.82
C LEU B 177 -28.73 -3.06 -16.05
N ASN B 178 -27.45 -2.80 -16.35
CA ASN B 178 -26.97 -2.04 -17.49
C ASN B 178 -27.25 -2.71 -18.86
N ASN B 179 -27.86 -3.92 -18.87
CA ASN B 179 -28.17 -4.67 -20.10
C ASN B 179 -29.66 -5.13 -20.19
N GLU B 180 -30.57 -4.42 -19.51
CA GLU B 180 -31.99 -4.77 -19.54
C GLU B 180 -32.73 -4.18 -20.76
N GLU B 181 -33.92 -4.76 -21.08
CA GLU B 181 -34.77 -4.34 -22.21
C GLU B 181 -35.82 -3.30 -21.76
N HIS B 182 -36.35 -3.46 -20.52
CA HIS B 182 -37.33 -2.57 -19.88
C HIS B 182 -36.71 -1.21 -19.52
N ASN B 183 -35.38 -1.16 -19.52
CA ASN B 183 -34.55 0.00 -19.21
C ASN B 183 -34.22 0.84 -20.46
N GLU B 184 -33.72 2.08 -20.24
CA GLU B 184 -33.24 3.01 -21.26
C GLU B 184 -31.85 2.55 -21.74
N LEU B 185 -31.07 1.92 -20.81
CA LEU B 185 -29.75 1.37 -21.08
C LEU B 185 -29.76 -0.17 -21.12
N THR B 198 -9.61 -3.21 -23.20
CA THR B 198 -9.82 -3.32 -24.63
C THR B 198 -8.80 -4.24 -25.29
N LEU B 199 -8.96 -4.44 -26.61
CA LEU B 199 -8.18 -5.30 -27.47
C LEU B 199 -6.67 -5.16 -27.27
N TYR B 200 -6.18 -3.91 -27.25
CA TYR B 200 -4.76 -3.57 -27.06
C TYR B 200 -4.16 -4.03 -25.72
N TYR B 201 -5.00 -4.15 -24.65
CA TYR B 201 -4.52 -4.50 -23.30
C TYR B 201 -4.94 -5.88 -22.84
N MET B 202 -5.56 -6.68 -23.71
CA MET B 202 -5.98 -8.03 -23.41
C MET B 202 -4.86 -9.02 -23.66
N ALA B 203 -4.69 -9.95 -22.71
CA ALA B 203 -3.69 -11.03 -22.73
C ALA B 203 -3.90 -11.97 -23.94
N PRO B 204 -2.82 -12.53 -24.53
CA PRO B 204 -2.98 -13.45 -25.69
C PRO B 204 -3.99 -14.59 -25.51
N GLU B 205 -4.04 -15.21 -24.30
CA GLU B 205 -4.95 -16.32 -23.96
C GLU B 205 -6.42 -16.00 -24.15
N HIS B 206 -6.82 -14.75 -23.87
CA HIS B 206 -8.20 -14.28 -23.99
C HIS B 206 -8.56 -13.89 -25.42
N LEU B 207 -7.55 -13.68 -26.28
CA LEU B 207 -7.82 -13.38 -27.70
C LEU B 207 -7.96 -14.71 -28.44
N ASN B 208 -7.36 -15.80 -27.84
CA ASN B 208 -7.27 -17.15 -28.37
C ASN B 208 -8.63 -17.82 -28.59
N ASP B 209 -8.66 -18.85 -29.48
CA ASP B 209 -9.83 -19.64 -29.85
C ASP B 209 -10.38 -20.36 -28.61
N VAL B 210 -9.47 -20.71 -27.66
CA VAL B 210 -9.76 -21.38 -26.39
C VAL B 210 -10.55 -20.45 -25.44
N ASN B 211 -10.07 -19.18 -25.28
CA ASN B 211 -10.60 -18.12 -24.42
C ASN B 211 -10.99 -18.59 -22.98
N ALA B 212 -10.00 -19.14 -22.23
CA ALA B 212 -10.20 -19.57 -20.83
C ALA B 212 -10.45 -18.35 -19.89
N LYS B 213 -10.95 -18.62 -18.65
CA LYS B 213 -11.29 -17.61 -17.62
C LYS B 213 -10.05 -16.80 -17.17
N PRO B 214 -10.22 -15.50 -16.78
CA PRO B 214 -9.06 -14.68 -16.40
C PRO B 214 -8.38 -15.09 -15.12
N THR B 215 -7.13 -14.67 -14.98
CA THR B 215 -6.28 -14.94 -13.82
C THR B 215 -5.60 -13.64 -13.44
N GLU B 216 -4.76 -13.68 -12.41
CA GLU B 216 -3.94 -12.57 -11.95
C GLU B 216 -2.92 -12.19 -13.02
N LYS B 217 -2.41 -13.19 -13.74
CA LYS B 217 -1.43 -13.05 -14.81
C LYS B 217 -2.02 -12.32 -16.02
N SER B 218 -3.36 -12.41 -16.21
CA SER B 218 -4.09 -11.71 -17.27
C SER B 218 -4.00 -10.19 -17.06
N ASP B 219 -4.01 -9.74 -15.78
CA ASP B 219 -3.91 -8.34 -15.37
C ASP B 219 -2.50 -7.82 -15.48
N VAL B 220 -1.51 -8.73 -15.29
CA VAL B 220 -0.08 -8.43 -15.39
C VAL B 220 0.22 -8.13 -16.84
N TYR B 221 -0.39 -8.86 -17.78
CA TYR B 221 -0.21 -8.55 -19.19
C TYR B 221 -0.69 -7.14 -19.50
N SER B 222 -1.92 -6.79 -19.02
CA SER B 222 -2.53 -5.47 -19.27
C SER B 222 -1.64 -4.37 -18.77
N PHE B 223 -1.03 -4.59 -17.60
CA PHE B 223 -0.10 -3.70 -16.94
C PHE B 223 1.13 -3.41 -17.81
N ALA B 224 1.75 -4.45 -18.41
CA ALA B 224 2.89 -4.33 -19.32
C ALA B 224 2.59 -3.37 -20.52
N VAL B 225 1.36 -3.43 -21.08
CA VAL B 225 0.94 -2.59 -22.21
C VAL B 225 0.73 -1.14 -21.77
N VAL B 226 0.17 -0.94 -20.55
CA VAL B 226 -0.07 0.39 -19.96
C VAL B 226 1.31 1.05 -19.68
N LEU B 227 2.30 0.26 -19.19
CA LEU B 227 3.68 0.66 -18.94
C LEU B 227 4.27 1.28 -20.20
N TRP B 228 4.06 0.63 -21.33
CA TRP B 228 4.53 1.09 -22.62
C TRP B 228 3.79 2.41 -23.01
N ALA B 229 2.47 2.43 -22.91
CA ALA B 229 1.68 3.62 -23.30
C ALA B 229 1.96 4.86 -22.45
N ILE B 230 2.44 4.64 -21.20
CA ILE B 230 2.81 5.70 -20.27
C ILE B 230 4.05 6.40 -20.83
N PHE B 231 4.93 5.65 -21.47
CA PHE B 231 6.18 6.18 -22.04
C PHE B 231 6.08 6.57 -23.50
N ALA B 232 4.99 6.22 -24.16
CA ALA B 232 4.77 6.53 -25.57
C ALA B 232 3.80 7.66 -25.72
N ASN B 233 3.01 7.95 -24.66
CA ASN B 233 1.97 9.00 -24.62
C ASN B 233 0.93 8.82 -25.73
N LYS B 234 0.60 7.56 -26.05
CA LYS B 234 -0.37 7.18 -27.08
C LYS B 234 -0.70 5.69 -26.95
N GLU B 235 -1.76 5.25 -27.66
CA GLU B 235 -2.24 3.87 -27.68
C GLU B 235 -1.31 3.05 -28.58
N PRO B 236 -1.02 1.75 -28.26
CA PRO B 236 -0.12 0.97 -29.13
C PRO B 236 -0.74 0.60 -30.48
N TYR B 237 0.05 -0.08 -31.33
CA TYR B 237 -0.35 -0.64 -32.62
C TYR B 237 -0.99 0.36 -33.63
N GLU B 238 -0.42 1.58 -33.76
CA GLU B 238 -0.98 2.55 -34.73
C GLU B 238 -0.88 2.02 -36.17
N ASN B 239 0.21 1.27 -36.46
CA ASN B 239 0.48 0.69 -37.77
C ASN B 239 -0.40 -0.54 -38.14
N ALA B 240 -1.29 -0.97 -37.22
CA ALA B 240 -2.23 -2.07 -37.47
C ALA B 240 -3.36 -1.55 -38.36
N ILE B 241 -3.72 -2.35 -39.41
CA ILE B 241 -4.74 -2.05 -40.43
C ILE B 241 -6.06 -2.79 -40.18
N ALA B 242 -5.96 -4.09 -39.82
CA ALA B 242 -7.14 -4.91 -39.55
C ALA B 242 -7.09 -5.53 -38.16
N GLU B 243 -8.25 -5.59 -37.48
CA GLU B 243 -8.41 -6.15 -36.14
C GLU B 243 -7.97 -7.62 -36.06
N GLN B 244 -8.34 -8.44 -37.09
CA GLN B 244 -7.98 -9.86 -37.21
CA GLN B 244 -7.96 -9.86 -37.14
C GLN B 244 -6.46 -10.04 -37.37
N GLN B 245 -5.81 -9.08 -38.10
CA GLN B 245 -4.36 -9.10 -38.34
C GLN B 245 -3.68 -8.90 -36.97
N LEU B 246 -4.23 -7.95 -36.18
CA LEU B 246 -3.81 -7.61 -34.83
C LEU B 246 -3.95 -8.79 -33.87
N ILE B 247 -5.19 -9.33 -33.72
CA ILE B 247 -5.52 -10.49 -32.88
C ILE B 247 -4.52 -11.66 -33.13
N MET B 248 -4.29 -12.02 -34.42
CA MET B 248 -3.36 -13.10 -34.78
C MET B 248 -1.91 -12.72 -34.51
N ALA B 249 -1.56 -11.42 -34.67
CA ALA B 249 -0.18 -10.97 -34.42
C ALA B 249 0.19 -11.10 -32.94
N ILE B 250 -0.68 -10.65 -32.00
CA ILE B 250 -0.45 -10.74 -30.54
C ILE B 250 -0.29 -12.20 -30.09
N LYS B 251 -1.20 -13.10 -30.58
CA LYS B 251 -1.17 -14.53 -30.29
C LYS B 251 0.13 -15.18 -30.73
N SER B 252 0.79 -14.60 -31.75
CA SER B 252 2.04 -15.09 -32.32
C SER B 252 3.28 -14.53 -31.62
N GLY B 253 3.11 -13.49 -30.82
CA GLY B 253 4.24 -12.89 -30.10
C GLY B 253 4.52 -11.43 -30.36
N ASN B 254 3.65 -10.77 -31.15
CA ASN B 254 3.76 -9.33 -31.42
C ASN B 254 3.37 -8.55 -30.19
N ARG B 255 4.10 -7.48 -29.91
CA ARG B 255 3.88 -6.63 -28.76
C ARG B 255 4.06 -5.17 -29.13
N PRO B 256 3.69 -4.18 -28.28
CA PRO B 256 3.93 -2.78 -28.65
C PRO B 256 5.40 -2.55 -29.00
N ASP B 257 5.63 -1.65 -29.97
CA ASP B 257 6.95 -1.32 -30.51
C ASP B 257 7.90 -0.69 -29.48
N VAL B 258 8.91 -1.45 -29.07
CA VAL B 258 9.93 -1.07 -28.09
C VAL B 258 10.77 0.15 -28.57
N ASP B 259 11.04 0.27 -29.89
CA ASP B 259 11.79 1.36 -30.51
C ASP B 259 11.08 2.70 -30.37
N ASP B 260 9.75 2.68 -30.31
CA ASP B 260 8.96 3.89 -30.16
C ASP B 260 9.11 4.51 -28.75
N ILE B 261 9.60 3.72 -27.76
CA ILE B 261 9.73 4.22 -26.38
C ILE B 261 11.18 4.21 -25.82
N THR B 262 12.21 3.99 -26.65
CA THR B 262 13.59 4.15 -26.15
C THR B 262 13.88 5.68 -25.97
N GLU B 263 12.81 6.52 -26.15
CA GLU B 263 12.77 8.00 -26.07
C GLU B 263 11.79 8.57 -24.96
N TYR B 264 12.14 8.50 -23.66
CA TYR B 264 13.29 7.80 -23.10
C TYR B 264 12.77 6.98 -21.95
N CYS B 265 12.87 5.68 -22.10
CA CYS B 265 12.44 4.73 -21.10
C CYS B 265 13.67 4.00 -20.62
N PRO B 266 13.94 3.95 -19.29
CA PRO B 266 15.13 3.21 -18.83
C PRO B 266 15.06 1.73 -19.21
N ARG B 267 16.22 1.10 -19.40
CA ARG B 267 16.36 -0.30 -19.76
C ARG B 267 15.67 -1.22 -18.74
N GLU B 268 15.54 -0.73 -17.48
CA GLU B 268 14.92 -1.40 -16.33
C GLU B 268 13.41 -1.55 -16.48
N ILE B 269 12.71 -0.49 -16.92
CA ILE B 269 11.27 -0.52 -17.16
C ILE B 269 10.94 -1.32 -18.43
N ILE B 270 11.83 -1.26 -19.44
CA ILE B 270 11.67 -2.00 -20.70
C ILE B 270 11.75 -3.51 -20.42
N SER B 271 12.79 -3.98 -19.72
CA SER B 271 12.94 -5.40 -19.34
C SER B 271 11.73 -5.85 -18.49
N LEU B 272 11.22 -4.94 -17.64
CA LEU B 272 10.09 -5.20 -16.78
C LEU B 272 8.82 -5.48 -17.61
N MET B 273 8.44 -4.58 -18.53
CA MET B 273 7.26 -4.76 -19.37
C MET B 273 7.40 -5.98 -20.30
N LYS B 274 8.64 -6.35 -20.70
CA LYS B 274 8.93 -7.50 -21.56
C LYS B 274 8.67 -8.79 -20.81
N LEU B 275 8.97 -8.76 -19.51
CA LEU B 275 8.74 -9.86 -18.58
C LEU B 275 7.22 -9.98 -18.29
N CYS B 276 6.55 -8.85 -18.07
CA CYS B 276 5.11 -8.79 -17.78
C CYS B 276 4.21 -9.15 -18.97
N TRP B 277 4.71 -9.05 -20.23
CA TRP B 277 3.88 -9.37 -21.41
C TRP B 277 4.28 -10.69 -22.10
N GLU B 278 5.04 -11.56 -21.41
CA GLU B 278 5.44 -12.89 -21.88
C GLU B 278 4.19 -13.69 -22.28
N ALA B 279 4.28 -14.44 -23.39
CA ALA B 279 3.21 -15.28 -23.92
C ALA B 279 2.66 -16.22 -22.85
N ASN B 280 3.54 -16.98 -22.14
CA ASN B 280 3.18 -17.92 -21.07
C ASN B 280 2.71 -17.17 -19.81
N PRO B 281 1.41 -17.28 -19.45
CA PRO B 281 0.91 -16.58 -18.25
C PRO B 281 1.63 -16.94 -16.97
N GLU B 282 2.13 -18.18 -16.85
CA GLU B 282 2.89 -18.61 -15.67
C GLU B 282 4.29 -18.01 -15.61
N ALA B 283 4.77 -17.42 -16.72
CA ALA B 283 6.13 -16.82 -16.71
C ALA B 283 6.09 -15.33 -16.29
N ARG B 284 4.88 -14.74 -16.15
CA ARG B 284 4.73 -13.33 -15.77
C ARG B 284 4.89 -13.21 -14.28
N PRO B 285 5.53 -12.13 -13.79
CA PRO B 285 5.66 -12.00 -12.33
C PRO B 285 4.37 -11.55 -11.65
N THR B 286 4.30 -11.70 -10.33
CA THR B 286 3.16 -11.24 -9.53
C THR B 286 3.32 -9.75 -9.28
N PHE B 287 2.20 -9.03 -8.98
CA PHE B 287 2.27 -7.60 -8.65
C PHE B 287 3.11 -7.33 -7.40
N PRO B 288 2.99 -8.08 -6.26
CA PRO B 288 3.93 -7.88 -5.15
C PRO B 288 5.38 -8.15 -5.57
N GLY B 289 5.58 -9.10 -6.50
CA GLY B 289 6.90 -9.39 -7.08
C GLY B 289 7.44 -8.23 -7.90
N ILE B 290 6.59 -7.62 -8.78
CA ILE B 290 6.90 -6.43 -9.61
C ILE B 290 7.17 -5.21 -8.69
N GLU B 291 6.46 -5.10 -7.54
CA GLU B 291 6.61 -4.02 -6.56
C GLU B 291 7.97 -4.06 -5.92
N GLU B 292 8.47 -5.26 -5.57
CA GLU B 292 9.79 -5.49 -4.97
C GLU B 292 10.93 -5.21 -5.97
N LYS B 293 10.61 -5.20 -7.27
CA LYS B 293 11.57 -4.89 -8.31
C LYS B 293 11.50 -3.41 -8.67
N PHE B 294 10.29 -2.85 -8.84
CA PHE B 294 10.16 -1.42 -9.19
C PHE B 294 10.37 -0.43 -8.04
N ARG B 295 9.96 -0.74 -6.78
CA ARG B 295 10.15 0.25 -5.71
C ARG B 295 11.64 0.71 -5.52
N PRO B 296 12.67 -0.19 -5.35
CA PRO B 296 14.05 0.30 -5.18
C PRO B 296 14.61 1.10 -6.35
N PHE B 297 14.31 0.70 -7.60
CA PHE B 297 14.76 1.42 -8.78
C PHE B 297 14.12 2.81 -8.84
N TYR B 298 12.81 2.94 -8.50
CA TYR B 298 12.13 4.23 -8.54
C TYR B 298 12.70 5.19 -7.49
N LEU B 299 13.08 4.68 -6.31
CA LEU B 299 13.59 5.52 -5.24
C LEU B 299 14.98 6.08 -5.51
N SER B 300 15.81 5.31 -6.23
CA SER B 300 17.15 5.74 -6.52
C SER B 300 17.26 6.57 -7.80
N GLN B 301 16.48 6.20 -8.84
CA GLN B 301 16.60 6.88 -10.14
C GLN B 301 15.47 7.83 -10.55
N LEU B 302 14.31 7.84 -9.85
CA LEU B 302 13.16 8.65 -10.34
C LEU B 302 12.48 9.58 -9.34
N GLU B 303 12.42 9.24 -8.03
CA GLU B 303 11.76 10.07 -7.03
C GLU B 303 12.51 11.39 -6.84
C23 7MJ C . 5.89 -7.00 13.75
C22 7MJ C . 6.23 -8.20 13.16
C24 7MJ C . 6.37 -5.80 13.24
C5 7MJ C . 18.45 -5.58 15.49
C6 7MJ C . 17.76 -6.10 16.56
C21 7MJ C . 7.06 -8.19 12.06
C25 7MJ C . 7.20 -5.79 12.13
C4 7MJ C . 18.39 -6.21 14.25
C7 7MJ C . 17.00 -7.25 16.41
C20 7MJ C . 7.54 -6.99 11.56
C3 7MJ C . 17.63 -7.36 14.08
C8 7MJ C . 16.94 -7.87 15.17
C15 7MJ C . 11.74 -7.63 11.63
C18 7MJ C . 9.79 -7.50 10.69
C27 7MJ C . 16.34 -8.54 12.34
C13 7MJ C . 12.85 -7.34 12.47
C10 7MJ C . 14.94 -8.77 14.39
C11 7MJ C . 15.12 -8.04 13.08
C1 7MJ C . 18.76 -8.38 12.15
C19 7MJ C . 8.44 -6.99 10.38
N16 7MJ C . 11.64 -8.62 10.78
N17 7MJ C . 10.42 -8.54 10.18
N26 7MJ C . 10.58 -6.90 11.61
N2 7MJ C . 17.53 -8.00 12.81
N12 7MJ C . 13.96 -8.15 12.24
O28 7MJ C . 16.26 -9.33 11.42
O14 7MJ C . 12.81 -6.46 13.32
O9 7MJ C . 16.18 -9.04 15.04
C23 7MJ D . -12.01 -3.84 -9.96
C22 7MJ D . -12.87 -3.95 -8.90
C24 7MJ D . -11.40 -2.62 -10.20
C5 7MJ D . -18.46 6.65 -14.66
C6 7MJ D . -18.71 5.50 -15.40
C21 7MJ D . -13.13 -2.86 -8.09
C25 7MJ D . -11.65 -1.53 -9.38
C4 7MJ D . -18.62 6.65 -13.29
C7 7MJ D . -19.11 4.33 -14.77
C20 7MJ D . -12.52 -1.65 -8.32
C3 7MJ D . -19.02 5.49 -12.66
C8 7MJ D . -19.25 4.33 -13.40
C15 7MJ D . -15.28 1.46 -9.29
C18 7MJ D . -13.99 0.29 -7.97
C27 7MJ D . -18.70 4.49 -10.43
C13 7MJ D . -15.84 2.17 -10.41
C10 7MJ D . -18.62 2.53 -12.00
C11 7MJ D . -17.80 3.50 -11.15
C1 7MJ D . -20.13 6.43 -10.71
C19 7MJ D . -12.83 -0.48 -7.45
N16 7MJ D . -15.90 1.37 -8.12
N17 7MJ D . -15.07 0.63 -7.30
N26 7MJ D . -14.09 0.79 -9.24
N2 7MJ D . -19.21 5.48 -11.26
N12 7MJ D . -17.05 2.79 -10.14
O28 7MJ D . -18.95 4.43 -9.22
O14 7MJ D . -15.29 2.21 -11.51
O9 7MJ D . -19.67 3.15 -12.77
#